data_6JBB
#
_entry.id   6JBB
#
_cell.length_a   84.480
_cell.length_b   84.480
_cell.length_c   145.930
_cell.angle_alpha   90.000
_cell.angle_beta   90.000
_cell.angle_gamma   90.000
#
_symmetry.space_group_name_H-M   'P 41 21 2'
#
loop_
_entity.id
_entity.type
_entity.pdbx_description
1 polymer 'ABC transporter, periplasmic substrate-binding protein'
2 branched beta-D-fructofuranose-(2-1)-alpha-D-glucopyranose
3 non-polymer 'CITRIC ACID'
4 non-polymer GLYCEROL
5 non-polymer 1,2-ETHANEDIOL
6 non-polymer 'CARBONATE ION'
7 water water
#
_entity_poly.entity_id   1
_entity_poly.type   'polypeptide(L)'
_entity_poly.pdbx_seq_one_letter_code
;QSGPVIRVAGDSTAVGEGGRWMKEMVEAWGKKTGTRVEYIDSPADTNDRLALYQQYWAARSPDVDVYMIDVIWPGIVAPH
ALDLKPYLTEAELKEFFPRIVQNNTIRGKLTSLPFFTDAGILYYRKDLLEKYGYTSPPRTWNELEQMAERVMEGERRAGN
RDFWGFVFQGKPYEGLTCDALEWIYSHGGGRIVEPDGTISVNNGRAALALNRAHGWVGRIAPQGVTSYAEEEARNVWQQG
NSLFMRNWPYAYALGQAEGSPIRGKFGVTVLPKASADAPNAATLGGAQLMVSAYSRYPKEAVDLVKYLASYEVQKDNAVR
LSRLPTRPALYTDRDVLARNPWFRDLLPVFQNAVSRPSDVAGARYNQVSEAIWTEVHSVLTGRKKGEQAVRDLEARIRRI
LRHHHHHH
;
_entity_poly.pdbx_strand_id   A
#
loop_
_chem_comp.id
_chem_comp.type
_chem_comp.name
_chem_comp.formula
CIT non-polymer 'CITRIC ACID' 'C6 H8 O7'
CO3 non-polymer 'CARBONATE ION' 'C O3 -2'
EDO non-polymer 1,2-ETHANEDIOL 'C2 H6 O2'
FRU D-saccharide, beta linking beta-D-fructofuranose 'C6 H12 O6'
GLC D-saccharide, alpha linking alpha-D-glucopyranose 'C6 H12 O6'
GOL non-polymer GLYCEROL 'C3 H8 O3'
#
# COMPACT_ATOMS: atom_id res chain seq x y z
N GLY A 3 -32.74 11.45 13.54
CA GLY A 3 -31.61 12.43 13.32
C GLY A 3 -30.77 11.94 12.16
N PRO A 4 -29.64 12.62 11.87
CA PRO A 4 -28.88 12.24 10.70
C PRO A 4 -28.33 10.79 10.73
N VAL A 5 -28.27 10.18 9.54
CA VAL A 5 -27.53 8.93 9.31
C VAL A 5 -26.18 9.28 8.60
N ILE A 6 -25.07 9.00 9.28
CA ILE A 6 -23.71 9.27 8.75
C ILE A 6 -23.19 7.99 8.09
N ARG A 7 -22.95 8.13 6.80
CA ARG A 7 -22.69 7.03 5.93
C ARG A 7 -21.22 7.06 5.52
N VAL A 8 -20.56 5.92 5.58
CA VAL A 8 -19.12 5.86 5.37
C VAL A 8 -18.80 4.84 4.32
N ALA A 9 -17.94 5.21 3.35
CA ALA A 9 -17.32 4.22 2.45
C ALA A 9 -15.84 4.27 2.70
N GLY A 10 -15.26 3.13 2.97
CA GLY A 10 -13.83 3.08 3.25
C GLY A 10 -13.35 1.70 3.60
N ASP A 11 -12.28 1.31 2.95
CA ASP A 11 -11.70 -0.03 3.11
C ASP A 11 -12.65 -1.09 2.50
N SER A 12 -12.26 -2.36 2.59
CA SER A 12 -12.98 -3.46 1.88
C SER A 12 -13.05 -4.69 2.75
N THR A 13 -14.24 -5.30 2.86
CA THR A 13 -14.32 -6.56 3.53
C THR A 13 -13.63 -7.67 2.73
N ALA A 14 -13.27 -7.42 1.48
CA ALA A 14 -12.55 -8.40 0.66
C ALA A 14 -11.03 -8.43 0.90
N VAL A 15 -10.53 -7.57 1.77
CA VAL A 15 -9.09 -7.55 2.09
C VAL A 15 -8.83 -7.63 3.57
N GLY A 16 -8.39 -8.81 4.00
CA GLY A 16 -8.09 -9.02 5.39
C GLY A 16 -9.24 -8.64 6.27
N GLU A 17 -8.94 -7.90 7.36
CA GLU A 17 -9.94 -7.46 8.34
C GLU A 17 -10.29 -6.01 8.26
N GLY A 18 -9.73 -5.29 7.26
CA GLY A 18 -9.91 -3.88 7.14
C GLY A 18 -11.34 -3.39 7.07
N GLY A 19 -12.15 -4.02 6.27
CA GLY A 19 -13.55 -3.59 6.15
C GLY A 19 -14.38 -3.86 7.36
N ARG A 20 -14.21 -5.06 7.93
CA ARG A 20 -14.91 -5.44 9.11
C ARG A 20 -14.54 -4.52 10.31
N TRP A 21 -13.25 -4.27 10.48
CA TRP A 21 -12.74 -3.41 11.52
C TRP A 21 -13.23 -1.94 11.31
N MET A 22 -13.21 -1.46 10.07
CA MET A 22 -13.68 -0.12 9.80
C MET A 22 -15.15 0.03 10.23
N LYS A 23 -15.96 -0.94 9.84
CA LYS A 23 -17.39 -0.85 10.16
C LYS A 23 -17.57 -0.87 11.69
N GLU A 24 -16.82 -1.73 12.36
CA GLU A 24 -16.79 -1.77 13.81
C GLU A 24 -16.46 -0.40 14.45
N MET A 25 -15.43 0.27 13.94
CA MET A 25 -15.03 1.56 14.51
C MET A 25 -16.12 2.58 14.26
N VAL A 26 -16.74 2.51 13.08
CA VAL A 26 -17.80 3.47 12.74
C VAL A 26 -19.02 3.24 13.65
N GLU A 27 -19.36 1.97 13.88
CA GLU A 27 -20.46 1.67 14.78
C GLU A 27 -20.14 2.10 16.21
N ALA A 28 -18.89 1.93 16.60
CA ALA A 28 -18.49 2.38 17.95
C ALA A 28 -18.66 3.87 18.12
N TRP A 29 -18.25 4.66 17.11
CA TRP A 29 -18.52 6.11 17.12
C TRP A 29 -20.06 6.42 17.21
N GLY A 30 -20.83 5.70 16.42
CA GLY A 30 -22.30 5.82 16.41
C GLY A 30 -22.84 5.66 17.83
N LYS A 31 -22.36 4.61 18.50
CA LYS A 31 -22.89 4.25 19.76
C LYS A 31 -22.46 5.29 20.79
N LYS A 32 -21.19 5.66 20.75
CA LYS A 32 -20.66 6.62 21.70
C LYS A 32 -21.34 7.99 21.63
N THR A 33 -21.73 8.45 20.44
CA THR A 33 -22.24 9.78 20.25
C THR A 33 -23.78 9.76 20.10
N GLY A 34 -24.39 8.60 20.09
CA GLY A 34 -25.82 8.53 19.76
C GLY A 34 -26.19 8.94 18.34
N THR A 35 -25.41 8.54 17.33
CA THR A 35 -25.65 8.92 15.93
C THR A 35 -25.86 7.67 15.13
N ARG A 36 -26.91 7.64 14.32
CA ARG A 36 -27.05 6.55 13.40
C ARG A 36 -25.94 6.56 12.35
N VAL A 37 -25.49 5.38 11.95
CA VAL A 37 -24.39 5.23 10.94
C VAL A 37 -24.73 4.08 9.99
N GLU A 38 -24.20 4.15 8.78
CA GLU A 38 -24.19 3.05 7.84
C GLU A 38 -22.82 2.93 7.18
N TYR A 39 -22.44 1.71 6.88
CA TYR A 39 -21.15 1.40 6.26
C TYR A 39 -21.44 0.89 4.89
N ILE A 40 -20.76 1.45 3.91
CA ILE A 40 -20.90 0.95 2.54
C ILE A 40 -19.59 0.29 2.19
N ASP A 41 -19.69 -0.95 1.73
CA ASP A 41 -18.50 -1.77 1.40
C ASP A 41 -17.93 -1.31 0.02
N SER A 42 -16.68 -1.68 -0.26
CA SER A 42 -15.97 -1.30 -1.44
C SER A 42 -15.26 -2.50 -2.04
N PRO A 43 -14.88 -2.41 -3.32
CA PRO A 43 -14.15 -3.51 -3.94
C PRO A 43 -12.76 -3.61 -3.37
N ALA A 44 -12.08 -4.72 -3.57
CA ALA A 44 -10.79 -4.94 -3.00
C ALA A 44 -9.70 -3.88 -3.43
N ASP A 45 -9.57 -3.73 -4.73
CA ASP A 45 -8.46 -2.98 -5.34
C ASP A 45 -8.74 -1.48 -5.33
N THR A 46 -7.74 -0.73 -4.89
CA THR A 46 -7.82 0.70 -4.76
C THR A 46 -8.30 1.44 -6.00
N ASN A 47 -7.79 1.09 -7.16
CA ASN A 47 -8.25 1.66 -8.41
C ASN A 47 -9.71 1.33 -8.76
N ASP A 48 -10.21 0.15 -8.38
CA ASP A 48 -11.65 -0.10 -8.48
C ASP A 48 -12.47 0.80 -7.56
N ARG A 49 -11.92 1.03 -6.40
CA ARG A 49 -12.61 1.91 -5.43
C ARG A 49 -12.67 3.34 -5.93
N LEU A 50 -11.57 3.84 -6.51
CA LEU A 50 -11.56 5.19 -7.06
C LEU A 50 -12.70 5.36 -8.05
N ALA A 51 -12.91 4.38 -8.96
CA ALA A 51 -13.90 4.52 -9.98
C ALA A 51 -15.28 4.48 -9.39
N LEU A 52 -15.49 3.63 -8.42
CA LEU A 52 -16.73 3.61 -7.68
C LEU A 52 -17.05 4.96 -6.99
N TYR A 53 -16.09 5.46 -6.22
CA TYR A 53 -16.34 6.69 -5.49
C TYR A 53 -16.54 7.86 -6.48
N GLN A 54 -15.83 7.85 -7.60
CA GLN A 54 -15.98 8.89 -8.63
CA GLN A 54 -16.00 8.92 -8.60
C GLN A 54 -17.41 8.97 -9.13
N GLN A 55 -18.12 7.86 -9.08
CA GLN A 55 -19.53 7.92 -9.47
C GLN A 55 -20.32 8.79 -8.49
N TYR A 56 -20.11 8.57 -7.19
CA TYR A 56 -20.79 9.40 -6.21
C TYR A 56 -20.40 10.83 -6.40
N TRP A 57 -19.11 11.09 -6.56
CA TRP A 57 -18.65 12.47 -6.69
C TRP A 57 -19.19 13.19 -7.93
N ALA A 58 -19.18 12.49 -9.07
CA ALA A 58 -19.76 13.06 -10.29
C ALA A 58 -21.22 13.49 -10.05
N ALA A 59 -21.95 12.67 -9.30
CA ALA A 59 -23.37 12.91 -9.01
C ALA A 59 -23.54 13.91 -7.85
N ARG A 60 -22.45 14.41 -7.24
CA ARG A 60 -22.56 15.28 -6.06
C ARG A 60 -23.43 14.59 -4.99
N SER A 61 -23.28 13.28 -4.89
CA SER A 61 -24.17 12.52 -4.03
C SER A 61 -24.02 12.78 -2.54
N PRO A 62 -25.14 13.04 -1.86
CA PRO A 62 -25.10 13.13 -0.40
C PRO A 62 -25.15 11.78 0.29
N ASP A 63 -25.14 10.69 -0.50
CA ASP A 63 -25.37 9.34 0.03
C ASP A 63 -24.14 8.76 0.75
N VAL A 64 -22.98 9.43 0.67
CA VAL A 64 -21.83 9.07 1.51
C VAL A 64 -21.29 10.35 2.13
N ASP A 65 -21.08 10.31 3.43
CA ASP A 65 -20.56 11.42 4.16
C ASP A 65 -19.03 11.47 4.35
N VAL A 66 -18.43 10.32 4.54
CA VAL A 66 -16.99 10.14 4.84
C VAL A 66 -16.46 9.08 3.90
N TYR A 67 -15.32 9.38 3.27
CA TYR A 67 -14.66 8.41 2.43
C TYR A 67 -13.26 8.20 2.98
N MET A 68 -12.79 6.95 2.93
CA MET A 68 -11.38 6.64 3.15
C MET A 68 -10.71 6.76 1.80
N ILE A 69 -9.64 7.60 1.72
CA ILE A 69 -8.97 7.84 0.47
C ILE A 69 -7.50 7.35 0.50
N ASP A 70 -6.99 6.98 -0.64
CA ASP A 70 -5.63 6.42 -0.74
C ASP A 70 -4.67 7.59 -0.78
N VAL A 71 -3.42 7.35 -0.36
CA VAL A 71 -2.40 8.38 -0.29
C VAL A 71 -2.12 9.05 -1.66
N ILE A 72 -2.35 8.28 -2.71
CA ILE A 72 -2.19 8.69 -4.08
C ILE A 72 -3.35 9.54 -4.63
N TRP A 73 -4.39 9.73 -3.84
CA TRP A 73 -5.58 10.41 -4.32
C TRP A 73 -5.79 11.90 -4.08
N PRO A 74 -5.16 12.52 -3.05
CA PRO A 74 -5.56 13.95 -2.82
C PRO A 74 -5.65 14.91 -4.02
N GLY A 75 -4.68 14.85 -4.89
CA GLY A 75 -4.67 15.67 -6.10
C GLY A 75 -5.86 15.38 -7.04
N ILE A 76 -6.32 14.14 -7.05
CA ILE A 76 -7.46 13.73 -7.84
C ILE A 76 -8.76 14.19 -7.14
N VAL A 77 -8.88 14.01 -5.81
CA VAL A 77 -10.19 14.08 -5.14
C VAL A 77 -10.45 15.43 -4.46
N ALA A 78 -9.47 16.34 -4.53
CA ALA A 78 -9.58 17.61 -3.81
C ALA A 78 -10.94 18.37 -3.95
N PRO A 79 -11.44 18.49 -5.18
CA PRO A 79 -12.76 19.19 -5.37
C PRO A 79 -13.91 18.57 -4.62
N HIS A 80 -13.79 17.29 -4.32
CA HIS A 80 -14.84 16.51 -3.66
C HIS A 80 -14.65 16.46 -2.12
N ALA A 81 -13.65 17.18 -1.60
CA ALA A 81 -13.28 17.17 -0.17
C ALA A 81 -13.68 18.47 0.51
N LEU A 82 -14.26 18.38 1.70
CA LEU A 82 -14.43 19.54 2.56
C LEU A 82 -13.07 19.91 3.12
N ASP A 83 -12.68 21.19 3.06
CA ASP A 83 -11.43 21.58 3.64
C ASP A 83 -11.50 21.38 5.16
N LEU A 84 -10.60 20.54 5.66
CA LEU A 84 -10.58 20.25 7.11
C LEU A 84 -9.79 21.25 7.94
N LYS A 85 -8.98 22.06 7.28
CA LYS A 85 -8.08 22.97 7.99
C LYS A 85 -8.77 23.80 9.07
N PRO A 86 -9.95 24.33 8.80
CA PRO A 86 -10.59 25.11 9.85
C PRO A 86 -11.06 24.31 11.04
N TYR A 87 -11.05 22.99 10.98
CA TYR A 87 -11.62 22.20 12.05
C TYR A 87 -10.56 21.67 13.02
N LEU A 88 -9.32 21.92 12.74
CA LEU A 88 -8.26 21.45 13.59
C LEU A 88 -7.35 22.57 13.96
N THR A 89 -6.84 22.50 15.17
CA THR A 89 -5.83 23.48 15.62
C THR A 89 -4.48 23.07 15.08
N GLU A 90 -3.54 24.00 15.04
CA GLU A 90 -2.20 23.65 14.62
C GLU A 90 -1.64 22.54 15.51
N ALA A 91 -2.04 22.48 16.78
CA ALA A 91 -1.37 21.52 17.70
C ALA A 91 -1.89 20.13 17.34
N GLU A 92 -3.21 20.05 17.17
CA GLU A 92 -3.84 18.83 16.75
C GLU A 92 -3.22 18.28 15.47
N LEU A 93 -3.00 19.16 14.50
CA LEU A 93 -2.47 18.73 13.21
C LEU A 93 -1.04 18.28 13.33
N LYS A 94 -0.32 18.88 14.24
CA LYS A 94 1.06 18.50 14.46
C LYS A 94 1.22 17.14 15.13
N GLU A 95 0.15 16.52 15.62
CA GLU A 95 0.28 15.15 16.16
C GLU A 95 0.43 14.07 15.06
N PHE A 96 0.18 14.45 13.81
CA PHE A 96 0.42 13.54 12.66
C PHE A 96 1.77 13.78 12.01
N PHE A 97 2.29 12.80 11.25
CA PHE A 97 3.49 13.01 10.46
C PHE A 97 3.33 14.19 9.49
N PRO A 98 4.19 15.21 9.59
CA PRO A 98 4.12 16.35 8.64
C PRO A 98 4.11 15.94 7.17
N ARG A 99 4.92 14.98 6.81
CA ARG A 99 5.00 14.54 5.41
C ARG A 99 3.56 14.17 4.88
N ILE A 100 2.78 13.49 5.72
CA ILE A 100 1.46 13.01 5.26
C ILE A 100 0.44 14.15 5.30
N VAL A 101 0.46 14.97 6.33
CA VAL A 101 -0.37 16.17 6.30
C VAL A 101 -0.11 17.02 5.04
N GLN A 102 1.14 17.18 4.70
CA GLN A 102 1.54 17.86 3.49
C GLN A 102 1.03 17.15 2.21
N ASN A 103 1.21 15.81 2.17
CA ASN A 103 0.64 14.99 1.07
C ASN A 103 -0.83 15.28 0.88
N ASN A 104 -1.56 15.43 1.99
CA ASN A 104 -3.02 15.56 1.95
C ASN A 104 -3.50 16.99 1.71
N THR A 105 -2.57 17.92 1.61
CA THR A 105 -2.90 19.34 1.47
C THR A 105 -2.64 19.73 0.02
N ILE A 106 -3.70 20.09 -0.70
CA ILE A 106 -3.59 20.43 -2.11
C ILE A 106 -4.04 21.91 -2.30
N ARG A 107 -3.13 22.74 -2.78
CA ARG A 107 -3.42 24.17 -3.00
C ARG A 107 -3.95 24.74 -1.70
N GLY A 108 -3.25 24.43 -0.60
CA GLY A 108 -3.66 24.89 0.73
C GLY A 108 -4.89 24.27 1.36
N LYS A 109 -5.63 23.45 0.62
CA LYS A 109 -6.80 22.78 1.19
C LYS A 109 -6.34 21.47 1.89
N LEU A 110 -6.71 21.29 3.14
CA LEU A 110 -6.43 20.00 3.85
C LEU A 110 -7.54 19.04 3.46
N THR A 111 -7.25 18.13 2.51
CA THR A 111 -8.29 17.30 1.94
C THR A 111 -8.78 16.24 2.88
N SER A 112 -7.95 15.84 3.83
CA SER A 112 -8.20 14.63 4.59
C SER A 112 -7.24 14.52 5.79
N LEU A 113 -7.65 13.75 6.78
CA LEU A 113 -6.79 13.56 7.96
C LEU A 113 -6.00 12.26 7.73
N PRO A 114 -4.72 12.24 8.08
CA PRO A 114 -3.94 10.97 7.98
C PRO A 114 -4.56 9.89 8.87
N PHE A 115 -4.73 8.68 8.37
CA PHE A 115 -5.37 7.60 9.14
C PHE A 115 -4.37 6.51 9.46
N PHE A 116 -3.89 5.79 8.45
CA PHE A 116 -2.77 4.85 8.60
C PHE A 116 -1.79 5.02 7.46
N THR A 117 -0.52 4.79 7.73
CA THR A 117 0.48 4.82 6.62
C THR A 117 0.77 3.33 6.19
N ASP A 118 1.74 3.14 5.31
CA ASP A 118 1.98 1.84 4.74
C ASP A 118 3.28 1.93 4.00
N ALA A 119 3.90 0.77 3.89
CA ALA A 119 5.16 0.60 3.18
C ALA A 119 5.34 -0.85 2.77
N GLY A 120 5.81 -1.06 1.56
CA GLY A 120 6.15 -2.41 1.14
C GLY A 120 7.30 -3.01 1.93
N ILE A 121 7.14 -4.27 2.37
CA ILE A 121 8.15 -4.98 3.08
C ILE A 121 8.28 -6.43 2.61
N LEU A 122 9.37 -7.02 3.05
CA LEU A 122 9.65 -8.44 2.81
C LEU A 122 9.21 -9.29 4.01
N TYR A 123 8.30 -10.20 3.78
CA TYR A 123 7.95 -11.27 4.70
C TYR A 123 8.81 -12.50 4.35
N TYR A 124 9.30 -13.22 5.37
CA TYR A 124 10.13 -14.39 5.12
C TYR A 124 9.91 -15.45 6.17
N ARG A 125 10.03 -16.69 5.74
CA ARG A 125 9.87 -17.83 6.64
C ARG A 125 11.20 -18.10 7.36
N LYS A 126 11.23 -17.75 8.61
CA LYS A 126 12.43 -17.94 9.47
C LYS A 126 12.73 -19.43 9.66
N ASP A 127 11.68 -20.24 9.85
CA ASP A 127 11.86 -21.68 10.00
C ASP A 127 12.55 -22.27 8.79
N LEU A 128 12.14 -21.85 7.58
CA LEU A 128 12.68 -22.45 6.36
C LEU A 128 14.12 -21.93 6.13
N LEU A 129 14.34 -20.64 6.40
CA LEU A 129 15.72 -20.12 6.28
C LEU A 129 16.67 -20.95 7.19
N GLU A 130 16.29 -21.18 8.41
CA GLU A 130 17.11 -21.93 9.30
C GLU A 130 17.25 -23.39 8.80
N LYS A 131 16.16 -23.99 8.29
CA LYS A 131 16.21 -25.36 7.81
C LYS A 131 17.26 -25.52 6.72
N TYR A 132 17.44 -24.48 5.91
CA TYR A 132 18.36 -24.55 4.79
C TYR A 132 19.70 -23.82 4.98
N GLY A 133 20.05 -23.57 6.23
CA GLY A 133 21.35 -23.04 6.57
C GLY A 133 21.55 -21.52 6.42
N TYR A 134 20.50 -20.71 6.25
CA TYR A 134 20.67 -19.29 6.11
C TYR A 134 20.41 -18.62 7.46
N THR A 135 21.18 -17.63 7.82
CA THR A 135 21.04 -17.00 9.12
C THR A 135 20.35 -15.63 9.09
N SER A 136 20.18 -15.02 7.91
CA SER A 136 19.58 -13.71 7.71
C SER A 136 18.70 -13.71 6.45
N PRO A 137 17.68 -12.88 6.38
CA PRO A 137 16.96 -12.69 5.13
C PRO A 137 17.85 -12.08 4.10
N PRO A 138 17.50 -12.25 2.83
CA PRO A 138 18.31 -11.69 1.75
C PRO A 138 18.38 -10.16 1.73
N ARG A 139 19.56 -9.63 1.47
CA ARG A 139 19.75 -8.20 1.31
C ARG A 139 19.76 -7.75 -0.13
N THR A 140 20.06 -8.67 -1.06
CA THR A 140 20.09 -8.37 -2.46
C THR A 140 19.08 -9.25 -3.16
N TRP A 141 18.59 -8.80 -4.30
CA TRP A 141 17.71 -9.60 -5.12
C TRP A 141 18.36 -10.90 -5.59
N ASN A 142 19.65 -10.86 -5.93
CA ASN A 142 20.36 -12.12 -6.27
C ASN A 142 20.28 -13.12 -5.11
N GLU A 143 20.46 -12.65 -3.88
CA GLU A 143 20.39 -13.54 -2.73
C GLU A 143 18.98 -14.07 -2.58
N LEU A 144 17.98 -13.23 -2.82
CA LEU A 144 16.62 -13.71 -2.70
C LEU A 144 16.39 -14.86 -3.70
N GLU A 145 16.88 -14.68 -4.92
CA GLU A 145 16.73 -15.67 -5.97
C GLU A 145 17.42 -16.98 -5.58
N GLN A 146 18.66 -16.90 -5.16
CA GLN A 146 19.42 -18.08 -4.73
C GLN A 146 18.76 -18.85 -3.57
N MET A 147 18.33 -18.11 -2.55
CA MET A 147 17.65 -18.73 -1.42
C MET A 147 16.33 -19.37 -1.86
N ALA A 148 15.59 -18.67 -2.71
CA ALA A 148 14.32 -19.18 -3.20
C ALA A 148 14.51 -20.45 -4.02
N GLU A 149 15.50 -20.48 -4.87
CA GLU A 149 15.74 -21.66 -5.68
C GLU A 149 16.10 -22.87 -4.82
N ARG A 150 16.98 -22.69 -3.86
CA ARG A 150 17.41 -23.81 -3.03
C ARG A 150 16.28 -24.30 -2.15
N VAL A 151 15.54 -23.38 -1.52
CA VAL A 151 14.47 -23.80 -0.61
C VAL A 151 13.32 -24.45 -1.39
N MET A 152 12.99 -23.91 -2.56
CA MET A 152 11.96 -24.52 -3.41
C MET A 152 12.31 -25.94 -3.79
N GLU A 153 13.54 -26.14 -4.20
CA GLU A 153 13.97 -27.44 -4.65
C GLU A 153 13.80 -28.42 -3.52
N GLY A 154 14.22 -28.04 -2.32
CA GLY A 154 14.14 -28.97 -1.18
C GLY A 154 12.74 -29.25 -0.76
N GLU A 155 11.90 -28.21 -0.71
CA GLU A 155 10.51 -28.41 -0.27
C GLU A 155 9.71 -29.19 -1.28
N ARG A 156 9.88 -28.91 -2.56
CA ARG A 156 9.22 -29.67 -3.62
C ARG A 156 9.67 -31.13 -3.51
N ARG A 157 10.97 -31.34 -3.26
CA ARG A 157 11.46 -32.68 -3.17
C ARG A 157 10.82 -33.38 -1.97
N ALA A 158 10.63 -32.67 -0.88
CA ALA A 158 9.98 -33.22 0.26
C ALA A 158 8.47 -33.41 0.07
N GLY A 159 7.91 -33.03 -1.08
CA GLY A 159 6.57 -33.40 -1.40
C GLY A 159 5.56 -32.27 -1.36
N ASN A 160 5.99 -31.02 -1.16
CA ASN A 160 5.03 -29.95 -1.19
C ASN A 160 4.94 -29.38 -2.58
N ARG A 161 3.99 -29.89 -3.35
CA ARG A 161 3.87 -29.45 -4.71
C ARG A 161 3.28 -28.03 -4.81
N ASP A 162 2.73 -27.49 -3.73
CA ASP A 162 2.22 -26.15 -3.77
C ASP A 162 3.28 -25.05 -3.46
N PHE A 163 4.49 -25.46 -3.16
CA PHE A 163 5.48 -24.54 -2.59
C PHE A 163 6.19 -23.68 -3.65
N TRP A 164 6.30 -22.38 -3.39
CA TRP A 164 6.99 -21.44 -4.22
C TRP A 164 8.02 -20.64 -3.42
N GLY A 165 8.97 -20.06 -4.14
CA GLY A 165 9.99 -19.18 -3.50
C GLY A 165 9.51 -17.80 -3.11
N PHE A 166 8.63 -17.19 -3.92
CA PHE A 166 8.38 -15.79 -3.79
C PHE A 166 7.00 -15.51 -4.34
N VAL A 167 6.19 -14.75 -3.61
CA VAL A 167 4.91 -14.26 -4.17
C VAL A 167 4.84 -12.76 -3.98
N PHE A 168 4.14 -12.08 -4.87
CA PHE A 168 4.06 -10.63 -4.86
C PHE A 168 2.83 -10.22 -5.62
N GLN A 169 2.68 -8.92 -5.87
CA GLN A 169 1.49 -8.46 -6.59
C GLN A 169 1.83 -8.19 -8.06
N GLY A 170 1.43 -9.11 -8.96
CA GLY A 170 1.75 -8.96 -10.42
C GLY A 170 0.53 -8.68 -11.32
N LYS A 171 -0.66 -8.58 -10.73
CA LYS A 171 -1.90 -8.29 -11.45
C LYS A 171 -1.83 -6.88 -12.07
N PRO A 172 -2.52 -6.67 -13.20
CA PRO A 172 -2.49 -5.30 -13.72
C PRO A 172 -3.44 -4.40 -12.98
N TYR A 173 -2.90 -3.68 -12.02
CA TYR A 173 -3.68 -2.75 -11.19
C TYR A 173 -2.65 -1.95 -10.36
N GLU A 174 -3.17 -1.11 -9.46
CA GLU A 174 -2.33 -0.17 -8.72
C GLU A 174 -1.26 -0.86 -7.88
N GLY A 175 -1.56 -2.02 -7.32
CA GLY A 175 -0.56 -2.81 -6.59
C GLY A 175 0.69 -3.10 -7.36
N LEU A 176 0.56 -3.35 -8.66
CA LEU A 176 1.71 -3.60 -9.51
C LEU A 176 2.57 -2.36 -9.69
N THR A 177 1.95 -1.21 -9.80
CA THR A 177 2.70 0.04 -9.75
C THR A 177 3.55 0.11 -8.49
N CYS A 178 2.96 -0.22 -7.36
CA CYS A 178 3.67 -0.22 -6.11
C CYS A 178 4.84 -1.19 -6.12
N ASP A 179 4.61 -2.46 -6.57
CA ASP A 179 5.69 -3.44 -6.62
C ASP A 179 6.80 -2.95 -7.58
N ALA A 180 6.41 -2.40 -8.73
CA ALA A 180 7.36 -2.08 -9.75
C ALA A 180 8.17 -0.88 -9.37
N LEU A 181 7.56 0.08 -8.68
CA LEU A 181 8.37 1.25 -8.20
C LEU A 181 9.48 0.68 -7.27
N GLU A 182 9.17 -0.29 -6.45
CA GLU A 182 10.21 -0.91 -5.61
C GLU A 182 11.32 -1.57 -6.42
N TRP A 183 10.93 -2.30 -7.44
CA TRP A 183 11.94 -2.97 -8.27
C TRP A 183 12.88 -1.93 -8.90
N ILE A 184 12.28 -0.97 -9.58
CA ILE A 184 13.01 0.04 -10.33
C ILE A 184 13.91 0.86 -9.39
N TYR A 185 13.35 1.31 -8.29
CA TYR A 185 14.05 2.21 -7.39
C TYR A 185 15.22 1.49 -6.72
N SER A 186 14.98 0.24 -6.30
CA SER A 186 16.01 -0.59 -5.65
C SER A 186 17.09 -1.10 -6.60
N HIS A 187 16.94 -0.84 -7.91
CA HIS A 187 18.02 -1.10 -8.87
C HIS A 187 18.75 0.21 -9.27
N GLY A 188 18.44 1.32 -8.59
CA GLY A 188 19.05 2.64 -8.95
C GLY A 188 18.45 3.21 -10.20
N GLY A 189 17.23 2.78 -10.54
CA GLY A 189 16.58 3.24 -11.71
C GLY A 189 15.65 4.44 -11.61
N GLY A 190 15.56 5.05 -10.41
CA GLY A 190 14.75 6.24 -10.28
C GLY A 190 13.34 5.94 -9.80
N ARG A 191 12.51 6.98 -9.94
CA ARG A 191 11.17 7.05 -9.37
C ARG A 191 10.07 7.04 -10.42
N ILE A 192 10.44 6.64 -11.65
CA ILE A 192 9.58 6.60 -12.81
C ILE A 192 9.31 7.99 -13.44
N VAL A 193 8.63 8.85 -12.66
CA VAL A 193 8.53 10.23 -12.89
C VAL A 193 9.07 10.89 -11.61
N GLU A 194 10.09 11.71 -11.78
CA GLU A 194 10.73 12.35 -10.63
C GLU A 194 9.85 13.50 -10.06
N PRO A 195 10.09 13.88 -8.80
CA PRO A 195 9.26 14.93 -8.22
C PRO A 195 9.32 16.21 -9.01
N ASP A 196 10.42 16.47 -9.70
CA ASP A 196 10.57 17.66 -10.52
C ASP A 196 9.88 17.57 -11.87
N GLY A 197 9.26 16.44 -12.19
CA GLY A 197 8.56 16.25 -13.43
C GLY A 197 9.31 15.41 -14.46
N THR A 198 10.62 15.20 -14.25
CA THR A 198 11.39 14.47 -15.25
C THR A 198 10.90 13.03 -15.36
N ILE A 199 10.55 12.60 -16.56
CA ILE A 199 10.22 11.23 -16.81
C ILE A 199 11.49 10.47 -17.04
N SER A 200 11.93 9.71 -16.03
CA SER A 200 13.28 9.18 -15.97
C SER A 200 13.34 7.69 -16.28
N VAL A 201 12.21 7.04 -16.47
CA VAL A 201 12.12 5.59 -16.42
C VAL A 201 12.86 4.86 -17.58
N ASN A 202 13.11 5.55 -18.69
CA ASN A 202 13.81 4.96 -19.79
C ASN A 202 15.30 4.97 -19.52
N ASN A 203 15.76 3.96 -18.77
CA ASN A 203 17.18 3.80 -18.45
C ASN A 203 17.43 2.32 -18.23
N GLY A 204 18.69 1.93 -18.36
CA GLY A 204 19.08 0.57 -18.25
C GLY A 204 18.79 -0.09 -16.93
N ARG A 205 18.85 0.66 -15.82
CA ARG A 205 18.62 0.10 -14.49
C ARG A 205 17.13 -0.26 -14.30
N ALA A 206 16.25 0.61 -14.76
CA ALA A 206 14.82 0.34 -14.69
C ALA A 206 14.50 -0.89 -15.58
N ALA A 207 15.08 -0.95 -16.77
CA ALA A 207 14.83 -2.08 -17.68
C ALA A 207 15.35 -3.38 -17.06
N LEU A 208 16.53 -3.33 -16.46
CA LEU A 208 17.05 -4.51 -15.75
C LEU A 208 16.09 -4.95 -14.64
N ALA A 209 15.59 -3.99 -13.86
CA ALA A 209 14.69 -4.32 -12.79
C ALA A 209 13.44 -5.16 -13.26
N LEU A 210 12.83 -4.70 -14.33
CA LEU A 210 11.70 -5.36 -14.93
C LEU A 210 12.09 -6.73 -15.55
N ASN A 211 13.26 -6.81 -16.20
CA ASN A 211 13.69 -8.11 -16.74
C ASN A 211 13.88 -9.08 -15.60
N ARG A 212 14.48 -8.63 -14.48
CA ARG A 212 14.64 -9.45 -13.31
C ARG A 212 13.29 -10.00 -12.80
N ALA A 213 12.30 -9.15 -12.76
CA ALA A 213 10.98 -9.58 -12.27
C ALA A 213 10.35 -10.59 -13.22
N HIS A 214 10.48 -10.37 -14.53
CA HIS A 214 10.03 -11.36 -15.51
C HIS A 214 10.69 -12.72 -15.23
N GLY A 215 11.95 -12.72 -14.88
CA GLY A 215 12.69 -13.94 -14.53
C GLY A 215 12.18 -14.70 -13.36
N TRP A 216 11.36 -14.06 -12.51
CA TRP A 216 10.75 -14.78 -11.44
C TRP A 216 9.56 -15.61 -11.89
N VAL A 217 8.84 -15.17 -12.93
CA VAL A 217 7.50 -15.68 -13.22
C VAL A 217 7.57 -17.09 -13.79
N GLY A 218 6.96 -18.01 -13.04
CA GLY A 218 6.90 -19.37 -13.39
C GLY A 218 8.14 -20.10 -12.97
N ARG A 219 9.02 -19.45 -12.19
CA ARG A 219 10.30 -19.99 -11.86
C ARG A 219 10.35 -20.01 -10.35
N ILE A 220 10.64 -18.90 -9.66
CA ILE A 220 10.50 -18.90 -8.20
C ILE A 220 9.13 -18.44 -7.71
N ALA A 221 8.39 -17.79 -8.61
CA ALA A 221 7.04 -17.27 -8.34
C ALA A 221 6.07 -18.03 -9.23
N PRO A 222 4.82 -18.29 -8.76
CA PRO A 222 3.88 -18.98 -9.68
C PRO A 222 3.65 -18.24 -10.97
N GLN A 223 3.32 -18.98 -12.02
CA GLN A 223 2.91 -18.35 -13.26
C GLN A 223 1.73 -17.46 -13.00
N GLY A 224 0.84 -17.89 -12.10
CA GLY A 224 -0.35 -17.12 -11.90
C GLY A 224 -0.10 -15.84 -11.11
N VAL A 225 1.17 -15.53 -10.78
CA VAL A 225 1.47 -14.29 -10.03
C VAL A 225 1.08 -13.03 -10.84
N THR A 226 1.04 -13.15 -12.17
CA THR A 226 0.59 -12.10 -13.04
C THR A 226 -0.92 -11.75 -12.89
N SER A 227 -1.67 -12.47 -12.09
CA SER A 227 -3.02 -12.08 -11.74
CA SER A 227 -3.04 -12.10 -11.70
C SER A 227 -3.16 -11.92 -10.21
N TYR A 228 -2.05 -11.95 -9.47
CA TYR A 228 -2.13 -11.81 -8.01
C TYR A 228 -2.23 -10.33 -7.57
N ALA A 229 -3.24 -10.01 -6.74
CA ALA A 229 -3.25 -8.81 -5.92
C ALA A 229 -2.78 -9.17 -4.50
N GLU A 230 -2.94 -8.26 -3.56
CA GLU A 230 -2.45 -8.50 -2.17
C GLU A 230 -2.95 -9.84 -1.52
N GLU A 231 -4.26 -10.09 -1.60
CA GLU A 231 -4.81 -11.29 -0.97
C GLU A 231 -4.44 -12.61 -1.63
N GLU A 232 -4.29 -12.62 -2.94
CA GLU A 232 -3.81 -13.80 -3.63
C GLU A 232 -2.43 -14.16 -3.20
N ALA A 233 -1.55 -13.16 -3.13
CA ALA A 233 -0.23 -13.42 -2.62
C ALA A 233 -0.30 -13.86 -1.13
N ARG A 234 -1.05 -13.15 -0.30
CA ARG A 234 -1.13 -13.49 1.10
C ARG A 234 -1.61 -14.92 1.32
N ASN A 235 -2.55 -15.37 0.52
CA ASN A 235 -3.13 -16.69 0.71
C ASN A 235 -2.11 -17.84 0.48
N VAL A 236 -1.28 -17.72 -0.55
CA VAL A 236 -0.25 -18.69 -0.79
C VAL A 236 0.79 -18.67 0.33
N TRP A 237 1.17 -17.46 0.74
CA TRP A 237 2.08 -17.28 1.85
C TRP A 237 1.53 -17.84 3.19
N GLN A 238 0.28 -17.56 3.47
CA GLN A 238 -0.28 -17.85 4.78
C GLN A 238 -0.60 -19.30 5.00
N GLN A 239 -0.87 -19.98 3.91
CA GLN A 239 -1.04 -21.41 3.91
C GLN A 239 0.31 -22.10 4.10
N GLY A 240 1.40 -21.35 4.09
CA GLY A 240 2.72 -21.94 4.26
C GLY A 240 3.49 -22.30 3.01
N ASN A 241 3.07 -21.78 1.87
CA ASN A 241 3.61 -22.23 0.56
C ASN A 241 4.47 -21.18 -0.16
N SER A 242 5.01 -20.23 0.58
CA SER A 242 6.02 -19.36 -0.03
C SER A 242 7.12 -19.01 0.95
N LEU A 243 8.36 -19.14 0.54
CA LEU A 243 9.50 -18.69 1.37
C LEU A 243 9.42 -17.20 1.68
N PHE A 244 9.13 -16.42 0.64
CA PHE A 244 9.14 -14.97 0.67
C PHE A 244 7.84 -14.41 0.14
N MET A 245 7.45 -13.27 0.70
CA MET A 245 6.35 -12.48 0.09
C MET A 245 6.68 -11.02 0.19
N ARG A 246 6.44 -10.28 -0.88
CA ARG A 246 6.34 -8.84 -0.77
C ARG A 246 4.88 -8.44 -0.52
N ASN A 247 4.64 -7.73 0.57
CA ASN A 247 3.33 -7.22 0.90
C ASN A 247 3.41 -6.04 1.90
N TRP A 248 2.26 -5.59 2.35
CA TRP A 248 2.13 -4.48 3.26
C TRP A 248 2.00 -5.02 4.71
N PRO A 249 2.22 -4.13 5.70
CA PRO A 249 2.03 -4.44 7.11
C PRO A 249 0.81 -5.21 7.55
N TYR A 250 -0.36 -5.04 6.93
CA TYR A 250 -1.55 -5.72 7.41
C TYR A 250 -1.46 -7.24 7.43
N ALA A 251 -0.61 -7.83 6.57
CA ALA A 251 -0.50 -9.26 6.50
C ALA A 251 0.11 -9.87 7.75
N TYR A 252 0.83 -9.05 8.52
CA TYR A 252 1.52 -9.58 9.69
C TYR A 252 0.53 -10.08 10.74
N ALA A 253 -0.44 -9.27 11.16
CA ALA A 253 -1.37 -9.69 12.22
C ALA A 253 -2.15 -10.93 11.73
N LEU A 254 -2.50 -10.95 10.45
CA LEU A 254 -3.29 -12.06 9.94
C LEU A 254 -2.49 -13.37 9.96
N GLY A 255 -1.22 -13.28 9.66
CA GLY A 255 -0.34 -14.43 9.66
C GLY A 255 -0.06 -14.96 11.06
N GLN A 256 -0.19 -14.08 12.08
CA GLN A 256 0.05 -14.46 13.44
C GLN A 256 -1.21 -14.96 14.15
N ALA A 257 -2.35 -14.87 13.49
CA ALA A 257 -3.61 -15.13 14.19
C ALA A 257 -3.70 -16.65 14.53
N GLU A 258 -4.49 -16.96 15.54
CA GLU A 258 -4.68 -18.34 15.93
C GLU A 258 -5.19 -19.10 14.74
N GLY A 259 -4.61 -20.23 14.47
CA GLY A 259 -5.06 -21.04 13.34
C GLY A 259 -4.41 -20.69 12.01
N SER A 260 -3.58 -19.64 11.97
CA SER A 260 -2.71 -19.46 10.86
C SER A 260 -1.64 -20.53 10.84
N PRO A 261 -1.48 -21.24 9.72
CA PRO A 261 -0.45 -22.25 9.54
C PRO A 261 0.97 -21.74 9.74
N ILE A 262 1.17 -20.43 9.60
CA ILE A 262 2.51 -19.90 9.70
C ILE A 262 2.77 -19.11 10.94
N ARG A 263 1.83 -19.12 11.88
CA ARG A 263 1.98 -18.35 13.12
C ARG A 263 3.31 -18.68 13.80
N GLY A 264 4.06 -17.65 14.22
CA GLY A 264 5.36 -17.83 14.83
C GLY A 264 6.49 -18.25 13.91
N LYS A 265 6.25 -18.40 12.63
CA LYS A 265 7.30 -18.89 11.74
C LYS A 265 7.93 -17.85 10.82
N PHE A 266 7.57 -16.56 10.99
CA PHE A 266 8.04 -15.55 10.03
C PHE A 266 8.51 -14.26 10.65
N GLY A 267 9.29 -13.52 9.83
CA GLY A 267 9.71 -12.16 10.20
C GLY A 267 9.43 -11.25 9.02
N VAL A 268 9.71 -9.97 9.24
CA VAL A 268 9.65 -9.00 8.21
C VAL A 268 10.96 -8.22 8.21
N THR A 269 11.31 -7.71 7.02
CA THR A 269 12.46 -6.85 6.86
C THR A 269 12.28 -5.95 5.67
N VAL A 270 13.27 -5.09 5.43
CA VAL A 270 13.27 -4.24 4.26
C VAL A 270 13.42 -5.13 2.99
N LEU A 271 12.78 -4.73 1.91
CA LEU A 271 12.94 -5.40 0.66
C LEU A 271 14.39 -5.39 0.22
N PRO A 272 14.81 -6.44 -0.48
CA PRO A 272 16.16 -6.39 -1.05
C PRO A 272 16.39 -5.34 -2.10
N LYS A 273 17.67 -5.17 -2.45
CA LYS A 273 18.02 -4.20 -3.54
C LYS A 273 19.14 -4.80 -4.38
N ALA A 274 19.48 -4.14 -5.45
CA ALA A 274 20.28 -4.76 -6.47
C ALA A 274 21.70 -4.89 -5.95
N SER A 275 22.18 -3.89 -5.28
CA SER A 275 23.52 -3.92 -4.70
C SER A 275 23.58 -3.06 -3.45
N ALA A 276 24.65 -3.18 -2.69
CA ALA A 276 24.80 -2.39 -1.43
C ALA A 276 24.67 -0.88 -1.62
N ASP A 277 25.03 -0.32 -2.76
CA ASP A 277 24.92 1.13 -2.87
C ASP A 277 23.62 1.61 -3.51
N ALA A 278 22.67 0.70 -3.81
CA ALA A 278 21.36 1.13 -4.34
C ALA A 278 20.50 1.59 -3.19
N PRO A 279 19.46 2.33 -3.45
CA PRO A 279 18.70 2.73 -2.26
C PRO A 279 17.71 1.62 -1.84
N ASN A 280 17.38 1.58 -0.56
CA ASN A 280 16.34 0.69 -0.09
C ASN A 280 15.04 1.18 -0.72
N ALA A 281 14.19 0.26 -1.16
CA ALA A 281 12.87 0.63 -1.69
C ALA A 281 11.72 0.07 -0.86
N ALA A 282 10.80 0.95 -0.48
CA ALA A 282 9.55 0.59 0.20
C ALA A 282 8.57 1.62 -0.34
N THR A 283 7.63 1.18 -1.15
CA THR A 283 6.64 2.13 -1.66
C THR A 283 5.73 2.62 -0.55
N LEU A 284 5.56 3.94 -0.53
CA LEU A 284 4.70 4.60 0.43
C LEU A 284 3.27 4.32 0.08
N GLY A 285 2.51 3.80 1.05
CA GLY A 285 1.06 3.61 0.89
C GLY A 285 0.33 4.34 1.97
N GLY A 286 -0.93 3.95 2.17
CA GLY A 286 -1.66 4.52 3.31
C GLY A 286 -3.00 5.09 2.94
N ALA A 287 -3.75 5.42 3.99
CA ALA A 287 -5.10 5.93 3.85
C ALA A 287 -5.34 7.15 4.70
N GLN A 288 -6.22 8.02 4.16
CA GLN A 288 -6.61 9.25 4.79
C GLN A 288 -8.13 9.24 4.89
N LEU A 289 -8.69 10.13 5.72
CA LEU A 289 -10.14 10.25 5.93
C LEU A 289 -10.66 11.59 5.42
N MET A 290 -11.59 11.52 4.48
CA MET A 290 -12.10 12.69 3.81
C MET A 290 -13.59 12.87 4.15
N VAL A 291 -13.96 14.09 4.48
CA VAL A 291 -15.37 14.46 4.54
C VAL A 291 -15.83 14.90 3.18
N SER A 292 -16.95 14.38 2.74
CA SER A 292 -17.41 14.69 1.41
C SER A 292 -17.84 16.16 1.32
N ALA A 293 -17.48 16.83 0.24
CA ALA A 293 -17.99 18.18 -0.04
C ALA A 293 -19.49 18.18 -0.26
N TYR A 294 -20.08 17.00 -0.45
CA TYR A 294 -21.53 16.84 -0.75
C TYR A 294 -22.28 16.30 0.47
N SER A 295 -21.57 16.07 1.59
CA SER A 295 -22.25 15.71 2.82
C SER A 295 -23.19 16.82 3.31
N ARG A 296 -24.37 16.40 3.67
CA ARG A 296 -25.31 17.30 4.31
C ARG A 296 -24.98 17.52 5.81
N TYR A 297 -24.06 16.72 6.39
CA TYR A 297 -23.76 16.80 7.81
C TYR A 297 -22.26 16.98 8.08
N PRO A 298 -21.68 18.10 7.61
CA PRO A 298 -20.22 18.21 7.68
C PRO A 298 -19.74 18.18 9.12
N LYS A 299 -20.48 18.77 10.04
CA LYS A 299 -20.03 18.88 11.44
C LYS A 299 -19.92 17.49 12.08
N GLU A 300 -20.93 16.69 11.87
CA GLU A 300 -20.93 15.35 12.40
C GLU A 300 -19.87 14.46 11.70
N ALA A 301 -19.78 14.59 10.38
CA ALA A 301 -18.77 13.86 9.59
C ALA A 301 -17.36 14.14 10.10
N VAL A 302 -17.10 15.42 10.39
CA VAL A 302 -15.80 15.83 10.88
C VAL A 302 -15.54 15.20 12.25
N ASP A 303 -16.53 15.20 13.13
CA ASP A 303 -16.35 14.53 14.41
CA ASP A 303 -16.39 14.51 14.43
C ASP A 303 -16.02 13.04 14.23
N LEU A 304 -16.68 12.36 13.32
CA LEU A 304 -16.38 10.96 13.04
C LEU A 304 -14.93 10.79 12.54
N VAL A 305 -14.52 11.69 11.64
CA VAL A 305 -13.20 11.62 11.05
C VAL A 305 -12.11 11.83 12.13
N LYS A 306 -12.37 12.77 13.03
CA LYS A 306 -11.45 13.02 14.15
C LYS A 306 -11.39 11.81 15.07
N TYR A 307 -12.52 11.17 15.30
CA TYR A 307 -12.53 9.97 16.11
C TYR A 307 -11.74 8.82 15.48
N LEU A 308 -11.94 8.59 14.20
CA LEU A 308 -11.25 7.51 13.50
C LEU A 308 -9.75 7.73 13.47
N ALA A 309 -9.33 8.98 13.28
CA ALA A 309 -7.94 9.33 13.32
C ALA A 309 -7.32 9.53 14.71
N SER A 310 -8.08 9.24 15.76
CA SER A 310 -7.61 9.52 17.11
C SER A 310 -6.57 8.53 17.53
N TYR A 311 -5.87 8.88 18.60
CA TYR A 311 -4.87 8.01 19.19
C TYR A 311 -5.39 6.61 19.43
N GLU A 312 -6.54 6.49 20.10
CA GLU A 312 -6.95 5.15 20.53
CA GLU A 312 -7.11 5.24 20.53
C GLU A 312 -7.47 4.30 19.36
N VAL A 313 -8.12 4.89 18.37
CA VAL A 313 -8.52 4.08 17.19
C VAL A 313 -7.30 3.63 16.39
N GLN A 314 -6.31 4.53 16.21
CA GLN A 314 -5.10 4.17 15.48
C GLN A 314 -4.37 3.07 16.29
N LYS A 315 -4.40 3.18 17.62
CA LYS A 315 -3.75 2.17 18.41
C LYS A 315 -4.43 0.83 18.16
N ASP A 316 -5.76 0.81 18.12
CA ASP A 316 -6.48 -0.44 17.95
C ASP A 316 -6.08 -1.05 16.58
N ASN A 317 -6.00 -0.18 15.57
CA ASN A 317 -5.61 -0.55 14.20
C ASN A 317 -4.19 -1.13 14.25
N ALA A 318 -3.31 -0.52 15.04
CA ALA A 318 -1.94 -1.07 15.14
C ALA A 318 -1.85 -2.42 15.87
N VAL A 319 -2.54 -2.53 16.98
CA VAL A 319 -2.46 -3.73 17.78
C VAL A 319 -3.19 -4.88 17.13
N ARG A 320 -4.37 -4.63 16.61
CA ARG A 320 -5.17 -5.75 16.11
C ARG A 320 -4.97 -6.08 14.64
N LEU A 321 -4.69 -5.07 13.82
CA LEU A 321 -4.52 -5.25 12.42
C LEU A 321 -3.11 -4.99 11.90
N SER A 322 -2.15 -4.75 12.81
CA SER A 322 -0.76 -4.48 12.42
C SER A 322 -0.60 -3.44 11.32
N ARG A 323 -1.41 -2.39 11.39
CA ARG A 323 -1.34 -1.30 10.43
C ARG A 323 -0.71 -0.07 11.06
N LEU A 324 0.06 0.65 10.24
CA LEU A 324 0.98 1.66 10.72
C LEU A 324 0.32 2.96 11.08
N PRO A 325 0.54 3.43 12.32
CA PRO A 325 -0.04 4.72 12.66
C PRO A 325 0.51 5.90 11.85
N THR A 326 -0.28 6.97 11.77
CA THR A 326 0.17 8.23 11.24
C THR A 326 0.51 9.20 12.36
N ARG A 327 0.52 8.73 13.61
CA ARG A 327 0.91 9.54 14.78
C ARG A 327 2.28 9.07 15.30
N PRO A 328 3.31 9.92 15.20
CA PRO A 328 4.59 9.48 15.75
C PRO A 328 4.56 8.94 17.19
N ALA A 329 3.68 9.47 18.04
CA ALA A 329 3.61 9.03 19.41
C ALA A 329 3.24 7.54 19.57
N LEU A 330 2.50 6.98 18.61
CA LEU A 330 2.14 5.55 18.72
C LEU A 330 3.33 4.64 18.49
N TYR A 331 4.40 5.09 17.88
CA TYR A 331 5.57 4.22 17.63
C TYR A 331 6.42 4.08 18.89
N THR A 332 6.09 4.82 19.95
CA THR A 332 6.74 4.63 21.25
C THR A 332 5.82 4.04 22.29
N ASP A 333 4.57 3.75 21.90
CA ASP A 333 3.58 3.16 22.78
C ASP A 333 3.92 1.73 23.13
N ARG A 334 3.92 1.42 24.42
CA ARG A 334 4.42 0.13 24.83
C ARG A 334 3.66 -1.04 24.26
N ASP A 335 2.35 -0.90 24.13
CA ASP A 335 1.47 -1.98 23.70
C ASP A 335 1.61 -2.19 22.20
N VAL A 336 1.72 -1.09 21.45
CA VAL A 336 1.89 -1.15 20.01
C VAL A 336 3.19 -1.91 19.70
N LEU A 337 4.23 -1.57 20.45
CA LEU A 337 5.56 -2.18 20.26
C LEU A 337 5.68 -3.61 20.70
N ALA A 338 5.04 -3.95 21.79
CA ALA A 338 5.14 -5.31 22.28
C ALA A 338 4.42 -6.26 21.32
N ARG A 339 3.32 -5.80 20.76
CA ARG A 339 2.63 -6.60 19.74
C ARG A 339 3.40 -6.67 18.43
N ASN A 340 3.93 -5.54 17.94
CA ASN A 340 4.63 -5.41 16.67
C ASN A 340 6.02 -4.81 16.82
N PRO A 341 7.01 -5.63 17.24
CA PRO A 341 8.31 -4.99 17.58
C PRO A 341 8.95 -4.42 16.35
N TRP A 342 8.66 -5.05 15.22
CA TRP A 342 9.12 -4.56 13.92
C TRP A 342 8.66 -3.18 13.54
N PHE A 343 7.64 -2.60 14.17
CA PHE A 343 7.33 -1.21 13.92
C PHE A 343 8.51 -0.33 14.29
N ARG A 344 9.26 -0.71 15.33
CA ARG A 344 10.42 0.08 15.68
C ARG A 344 11.59 -0.22 14.74
N ASP A 345 11.83 -1.48 14.51
CA ASP A 345 12.95 -1.91 13.69
C ASP A 345 12.81 -1.31 12.29
N LEU A 346 11.60 -1.24 11.72
CA LEU A 346 11.48 -0.75 10.36
C LEU A 346 11.00 0.70 10.25
N LEU A 347 10.98 1.42 11.36
CA LEU A 347 10.53 2.79 11.30
C LEU A 347 11.31 3.63 10.29
N PRO A 348 12.63 3.52 10.26
CA PRO A 348 13.36 4.29 9.25
C PRO A 348 13.03 3.86 7.79
N VAL A 349 12.72 2.59 7.61
CA VAL A 349 12.24 2.14 6.30
C VAL A 349 10.93 2.87 5.93
N PHE A 350 9.99 2.94 6.88
CA PHE A 350 8.75 3.66 6.70
C PHE A 350 8.96 5.16 6.43
N GLN A 351 9.88 5.78 7.16
CA GLN A 351 10.20 7.20 7.00
C GLN A 351 10.85 7.47 5.65
N ASN A 352 11.63 6.55 5.11
CA ASN A 352 12.24 6.77 3.81
C ASN A 352 11.48 6.11 2.63
N ALA A 353 10.22 5.75 2.85
CA ALA A 353 9.46 5.07 1.84
C ALA A 353 9.45 5.93 0.57
N VAL A 354 9.52 5.33 -0.58
CA VAL A 354 9.59 6.08 -1.78
C VAL A 354 8.13 6.26 -2.31
N SER A 355 7.78 7.49 -2.72
CA SER A 355 6.43 7.76 -3.20
CA SER A 355 6.44 7.77 -3.19
C SER A 355 6.26 7.50 -4.67
N ARG A 356 5.09 7.01 -5.02
CA ARG A 356 4.62 6.99 -6.39
C ARG A 356 4.43 8.43 -6.85
N PRO A 357 4.38 8.64 -8.16
CA PRO A 357 4.40 10.04 -8.64
C PRO A 357 3.02 10.74 -8.60
N SER A 358 2.30 10.52 -7.54
CA SER A 358 1.01 11.18 -7.38
C SER A 358 1.11 12.69 -7.16
N ASP A 359 2.09 13.18 -6.43
CA ASP A 359 2.25 14.64 -6.30
C ASP A 359 2.47 15.26 -7.69
N VAL A 360 3.40 14.70 -8.48
CA VAL A 360 3.81 15.43 -9.72
C VAL A 360 2.76 15.21 -10.83
N ALA A 361 2.06 14.08 -10.79
CA ALA A 361 1.03 13.86 -11.79
C ALA A 361 -0.32 14.45 -11.43
N GLY A 362 -0.52 14.72 -10.14
CA GLY A 362 -1.73 15.28 -9.61
C GLY A 362 -2.98 14.50 -10.02
N ALA A 363 -3.95 15.23 -10.62
CA ALA A 363 -5.24 14.65 -10.97
C ALA A 363 -5.08 13.74 -12.15
N ARG A 364 -3.92 13.71 -12.82
CA ARG A 364 -3.72 12.69 -13.88
C ARG A 364 -3.00 11.39 -13.39
N TYR A 365 -2.79 11.27 -12.08
CA TYR A 365 -2.02 10.15 -11.55
C TYR A 365 -2.59 8.80 -11.99
N ASN A 366 -3.92 8.65 -11.94
CA ASN A 366 -4.48 7.32 -12.27
C ASN A 366 -4.17 6.90 -13.71
N GLN A 367 -4.16 7.86 -14.63
CA GLN A 367 -3.79 7.51 -15.99
C GLN A 367 -2.30 7.15 -16.09
N VAL A 368 -1.44 7.92 -15.41
CA VAL A 368 -0.03 7.58 -15.38
C VAL A 368 0.17 6.18 -14.83
N SER A 369 -0.50 5.87 -13.73
CA SER A 369 -0.32 4.58 -13.07
C SER A 369 -0.79 3.42 -13.96
N GLU A 370 -1.88 3.64 -14.61
CA GLU A 370 -2.35 2.63 -15.56
C GLU A 370 -1.33 2.32 -16.66
N ALA A 371 -0.63 3.36 -17.16
CA ALA A 371 0.41 3.13 -18.18
C ALA A 371 1.54 2.36 -17.59
N ILE A 372 1.89 2.69 -16.35
CA ILE A 372 2.95 1.96 -15.66
C ILE A 372 2.60 0.51 -15.46
N TRP A 373 1.42 0.23 -14.89
CA TRP A 373 1.15 -1.18 -14.61
C TRP A 373 0.96 -1.99 -15.91
N THR A 374 0.40 -1.41 -16.95
CA THR A 374 0.23 -2.18 -18.22
C THR A 374 1.57 -2.48 -18.92
N GLU A 375 2.48 -1.51 -18.90
CA GLU A 375 3.79 -1.78 -19.44
C GLU A 375 4.62 -2.72 -18.61
N VAL A 376 4.64 -2.51 -17.30
CA VAL A 376 5.26 -3.53 -16.42
C VAL A 376 4.65 -4.95 -16.64
N HIS A 377 3.33 -5.05 -16.67
CA HIS A 377 2.68 -6.34 -16.82
C HIS A 377 3.14 -7.04 -18.12
N SER A 378 3.32 -6.25 -19.19
CA SER A 378 3.83 -6.78 -20.47
C SER A 378 5.22 -7.39 -20.36
N VAL A 379 6.01 -6.92 -19.40
CA VAL A 379 7.27 -7.56 -19.13
C VAL A 379 7.11 -8.83 -18.33
N LEU A 380 6.27 -8.78 -17.33
CA LEU A 380 6.06 -9.95 -16.46
C LEU A 380 5.53 -11.18 -17.28
N THR A 381 4.71 -10.90 -18.27
CA THR A 381 4.12 -11.93 -19.14
C THR A 381 5.09 -12.41 -20.26
N GLY A 382 6.25 -11.79 -20.40
CA GLY A 382 7.18 -12.11 -21.52
C GLY A 382 6.79 -11.55 -22.89
N ARG A 383 5.85 -10.64 -22.92
CA ARG A 383 5.45 -10.00 -24.17
C ARG A 383 6.44 -8.95 -24.65
N LYS A 384 7.07 -8.23 -23.72
CA LYS A 384 8.11 -7.23 -24.00
C LYS A 384 9.26 -7.37 -23.07
N LYS A 385 10.43 -7.05 -23.57
CA LYS A 385 11.61 -6.94 -22.73
C LYS A 385 11.53 -5.63 -21.94
N GLY A 386 12.22 -5.53 -20.82
CA GLY A 386 12.24 -4.31 -20.06
C GLY A 386 12.70 -3.10 -20.87
N GLU A 387 13.68 -3.29 -21.76
CA GLU A 387 14.19 -2.22 -22.61
C GLU A 387 13.11 -1.61 -23.41
N GLN A 388 12.32 -2.43 -24.07
CA GLN A 388 11.26 -1.90 -24.90
C GLN A 388 10.14 -1.29 -24.03
N ALA A 389 9.84 -1.95 -22.92
CA ALA A 389 8.73 -1.51 -22.07
C ALA A 389 9.01 -0.10 -21.51
N VAL A 390 10.26 0.16 -21.10
CA VAL A 390 10.54 1.46 -20.45
C VAL A 390 10.55 2.59 -21.45
N ARG A 391 10.88 2.26 -22.69
CA ARG A 391 10.83 3.20 -23.77
C ARG A 391 9.39 3.48 -24.13
N ASP A 392 8.57 2.43 -24.26
CA ASP A 392 7.18 2.64 -24.56
C ASP A 392 6.52 3.38 -23.41
N LEU A 393 6.91 3.02 -22.17
CA LEU A 393 6.37 3.72 -20.99
C LEU A 393 6.71 5.20 -20.93
N GLU A 394 7.96 5.50 -21.20
CA GLU A 394 8.34 6.91 -21.35
C GLU A 394 7.46 7.63 -22.34
N ALA A 395 7.23 7.04 -23.52
CA ALA A 395 6.41 7.75 -24.54
C ALA A 395 4.99 7.91 -24.05
N ARG A 396 4.43 6.87 -23.40
CA ARG A 396 3.05 7.02 -22.91
C ARG A 396 2.91 8.11 -21.84
N ILE A 397 3.82 8.08 -20.89
CA ILE A 397 3.77 9.04 -19.82
C ILE A 397 3.94 10.47 -20.35
N ARG A 398 4.82 10.63 -21.31
CA ARG A 398 4.96 11.95 -21.96
C ARG A 398 3.68 12.45 -22.57
N ARG A 399 2.95 11.54 -23.22
CA ARG A 399 1.67 11.95 -23.79
C ARG A 399 0.70 12.35 -22.68
N ILE A 400 0.68 11.52 -21.64
CA ILE A 400 -0.32 11.70 -20.59
C ILE A 400 -0.10 12.98 -19.86
N LEU A 401 1.17 13.34 -19.65
CA LEU A 401 1.48 14.53 -18.87
C LEU A 401 1.81 15.75 -19.69
N ARG A 402 1.78 15.68 -21.01
CA ARG A 402 2.03 16.87 -21.83
C ARG A 402 1.01 17.94 -21.40
N HIS A 403 1.51 19.12 -21.17
CA HIS A 403 0.72 20.27 -20.73
C HIS A 403 0.28 20.22 -19.26
N HIS A 404 0.57 19.15 -18.52
CA HIS A 404 0.30 19.17 -17.07
C HIS A 404 1.46 19.89 -16.37
N HIS A 405 1.23 20.99 -15.64
CA HIS A 405 2.34 21.53 -14.76
C HIS A 405 2.03 21.36 -13.24
N HIS A 406 3.01 21.02 -12.39
CA HIS A 406 2.76 20.87 -10.91
C HIS A 406 2.89 22.23 -10.21
C1 GLC B . -2.07 -0.62 0.05
C2 GLC B . -1.54 0.79 0.16
C3 GLC B . -2.12 1.70 -0.91
C4 GLC B . -1.84 1.09 -2.29
C5 GLC B . -2.43 -0.31 -2.31
C6 GLC B . -2.14 -0.94 -3.69
O2 GLC B . -1.88 1.35 1.42
O3 GLC B . -1.57 3.05 -0.78
O4 GLC B . -2.40 1.93 -3.28
O5 GLC B . -1.91 -1.14 -1.25
O6 GLC B . -2.84 -2.21 -3.89
C1 FRU B . -3.73 -2.97 -0.18
C2 FRU B . -3.94 -1.95 0.96
C3 FRU B . -3.49 -2.45 2.35
C4 FRU B . -4.38 -1.63 3.31
C5 FRU B . -5.69 -1.76 2.54
C6 FRU B . -6.70 -0.73 2.86
O1 FRU B . -4.39 -4.16 0.19
O2 FRU B . -3.43 -0.67 0.59
O3 FRU B . -2.09 -2.37 2.70
O4 FRU B . -4.49 -2.08 4.68
O5 FRU B . -5.35 -1.72 1.14
O6 FRU B . -7.91 -0.91 2.10
C1 CIT C . -4.35 18.97 -11.45
O1 CIT C . -4.65 19.94 -10.71
O2 CIT C . -3.50 18.10 -11.09
C2 CIT C . -5.05 18.78 -12.79
C3 CIT C . -5.19 20.05 -13.61
O7 CIT C . -3.87 20.56 -13.48
C4 CIT C . -5.58 19.90 -15.08
C5 CIT C . -4.61 19.00 -15.75
O3 CIT C . -4.73 17.75 -15.74
O4 CIT C . -3.65 19.55 -16.29
C6 CIT C . -6.23 20.98 -13.02
O5 CIT C . -7.35 20.47 -12.75
O6 CIT C . -5.91 22.15 -12.87
C1 GOL D . -1.99 6.77 -24.85
O1 GOL D . -1.21 7.90 -24.45
C2 GOL D . -1.93 5.78 -23.69
O2 GOL D . -0.63 5.72 -23.12
C3 GOL D . -2.76 6.24 -22.52
O3 GOL D . -2.38 5.38 -21.45
C1 EDO E . 0.89 3.80 26.85
O1 EDO E . 1.82 3.03 27.57
C2 EDO E . 0.01 4.52 27.87
O2 EDO E . -0.75 5.46 27.10
C1 EDO F . 2.83 -9.59 23.68
O1 EDO F . 3.42 -10.91 23.53
C2 EDO F . 2.15 -9.26 22.35
O2 EDO F . 1.09 -8.32 22.61
C CO3 G . -0.24 -22.87 -5.19
O1 CO3 G . -0.78 -23.95 -5.36
O2 CO3 G . -0.25 -22.15 -6.20
O3 CO3 G . 0.29 -22.50 -4.10
#